data_6AFA
#
_entry.id   6AFA
#
_cell.length_a   75.270
_cell.length_b   75.270
_cell.length_c   75.561
_cell.angle_alpha   90.00
_cell.angle_beta   90.00
_cell.angle_gamma   120.00
#
_symmetry.space_group_name_H-M   'P 31 2 1'
#
loop_
_entity.id
_entity.type
_entity.pdbx_description
1 polymer 'Protein/nucleic acid deglycase DJ-1'
2 non-polymer ISATIN
3 non-polymer 'CHLORIDE ION'
4 water water
#
_entity_poly.entity_id   1
_entity_poly.type   'polypeptide(L)'
_entity_poly.pdbx_seq_one_letter_code
;MASKRALVILAKGAEEMETVIPVDVMRRAGIKVTVAGLAGKDPVQCSRDVVICPDASLEDAKKEGPYDVVVLPGGNLGAQ
NLSESAAVKEILKEQENRKGLIAAICAGPTALLAHEIGFGSKVTTHPLAKDKMMNGGHYTYSENRVEKDGLILTSRGPGT
SFEFALAIVEALNGKEVAAQVKAPLVLKD
;
_entity_poly.pdbx_strand_id   A
#
loop_
_chem_comp.id
_chem_comp.type
_chem_comp.name
_chem_comp.formula
CL non-polymer 'CHLORIDE ION' 'Cl -1'
ISN non-polymer ISATIN 'C8 H5 N O2'
#
# COMPACT_ATOMS: atom_id res chain seq x y z
N ALA A 2 12.09 -18.79 -4.13
CA ALA A 2 12.63 -17.46 -3.72
C ALA A 2 11.53 -16.64 -3.05
N SER A 3 11.89 -15.96 -1.97
CA SER A 3 10.93 -15.17 -1.22
C SER A 3 10.46 -13.94 -2.00
N LYS A 4 9.19 -13.66 -1.90
CA LYS A 4 8.65 -12.39 -2.44
C LYS A 4 9.11 -11.21 -1.55
N ARG A 5 9.10 -10.01 -2.15
CA ARG A 5 9.65 -8.81 -1.57
C ARG A 5 8.60 -7.70 -1.70
N ALA A 6 8.41 -6.94 -0.62
CA ALA A 6 7.40 -5.87 -0.55
C ALA A 6 8.09 -4.57 -0.16
N LEU A 7 7.73 -3.49 -0.85
CA LEU A 7 8.13 -2.14 -0.50
C LEU A 7 6.93 -1.44 0.08
N VAL A 8 7.05 -1.03 1.33
CA VAL A 8 6.05 -0.21 1.98
C VAL A 8 6.60 1.20 2.14
N ILE A 9 5.93 2.16 1.50
CA ILE A 9 6.38 3.53 1.51
C ILE A 9 5.76 4.32 2.65
N LEU A 10 6.62 4.78 3.55
CA LEU A 10 6.22 5.42 4.80
C LEU A 10 6.52 6.92 4.83
N ALA A 11 5.45 7.71 4.81
CA ALA A 11 5.47 9.17 4.80
C ALA A 11 4.93 9.74 6.09
N LYS A 12 5.40 10.93 6.45
CA LYS A 12 4.82 11.64 7.56
C LYS A 12 3.30 11.74 7.37
N GLY A 13 2.58 11.45 8.45
CA GLY A 13 1.11 11.49 8.47
C GLY A 13 0.47 10.20 7.97
N ALA A 14 1.27 9.18 7.69
CA ALA A 14 0.72 7.85 7.35
C ALA A 14 -0.13 7.34 8.49
N GLU A 15 -1.17 6.58 8.16
CA GLU A 15 -1.95 5.92 9.20
C GLU A 15 -1.13 4.75 9.73
N GLU A 16 -0.80 4.80 11.01
CA GLU A 16 0.11 3.80 11.56
C GLU A 16 -0.46 2.38 11.58
N MET A 17 -1.77 2.25 11.75
CA MET A 17 -2.39 0.92 11.74
C MET A 17 -2.31 0.33 10.33
N GLU A 18 -2.54 1.17 9.33
CA GLU A 18 -2.53 0.74 7.94
C GLU A 18 -1.11 0.48 7.43
N THR A 19 -0.12 0.98 8.17
CA THR A 19 1.27 0.69 7.87
C THR A 19 1.71 -0.61 8.57
N VAL A 20 1.47 -0.69 9.89
CA VAL A 20 1.95 -1.82 10.70
C VAL A 20 1.25 -3.16 10.40
N ILE A 21 -0.07 -3.15 10.19
CA ILE A 21 -0.79 -4.38 9.98
C ILE A 21 -0.27 -5.08 8.69
N PRO A 22 -0.19 -4.36 7.54
CA PRO A 22 0.35 -5.05 6.38
C PRO A 22 1.83 -5.49 6.55
N VAL A 23 2.67 -4.68 7.16
CA VAL A 23 4.06 -5.07 7.37
C VAL A 23 4.15 -6.38 8.16
N ASP A 24 3.44 -6.42 9.29
CA ASP A 24 3.47 -7.53 10.18
C ASP A 24 2.90 -8.79 9.48
N VAL A 25 1.70 -8.66 8.92
CA VAL A 25 1.06 -9.79 8.27
C VAL A 25 1.91 -10.36 7.11
N MET A 26 2.49 -9.47 6.30
CA MET A 26 3.36 -9.91 5.19
C MET A 26 4.59 -10.66 5.71
N ARG A 27 5.17 -10.16 6.80
CA ARG A 27 6.32 -10.84 7.42
C ARG A 27 5.93 -12.21 7.99
N ARG A 28 4.71 -12.30 8.53
CA ARG A 28 4.18 -13.60 8.96
C ARG A 28 4.08 -14.59 7.81
N ALA A 29 3.84 -14.06 6.60
CA ALA A 29 3.72 -14.85 5.38
C ALA A 29 5.09 -15.16 4.78
N GLY A 30 6.18 -14.74 5.42
CA GLY A 30 7.52 -15.00 4.87
C GLY A 30 7.97 -14.02 3.78
N ILE A 31 7.23 -12.93 3.58
CA ILE A 31 7.59 -11.92 2.62
C ILE A 31 8.69 -11.05 3.23
N LYS A 32 9.68 -10.70 2.41
CA LYS A 32 10.72 -9.78 2.81
C LYS A 32 10.22 -8.38 2.63
N VAL A 33 9.94 -7.70 3.73
CA VAL A 33 9.36 -6.38 3.69
C VAL A 33 10.38 -5.28 4.03
N THR A 34 10.44 -4.28 3.15
CA THR A 34 11.18 -3.06 3.42
C THR A 34 10.27 -1.87 3.68
N VAL A 35 10.33 -1.38 4.91
CA VAL A 35 9.65 -0.16 5.30
C VAL A 35 10.57 0.99 4.94
N ALA A 36 10.18 1.73 3.91
CA ALA A 36 11.02 2.78 3.30
C ALA A 36 10.50 4.18 3.60
N GLY A 37 11.36 5.02 4.19
CA GLY A 37 10.97 6.34 4.59
C GLY A 37 11.03 7.26 3.38
N LEU A 38 9.89 7.88 3.06
CA LEU A 38 9.81 8.85 1.97
C LEU A 38 10.88 9.93 2.12
N ALA A 39 10.95 10.54 3.31
CA ALA A 39 11.80 11.71 3.53
C ALA A 39 13.27 11.37 3.78
N GLY A 40 13.60 10.09 3.87
CA GLY A 40 14.98 9.66 4.21
C GLY A 40 14.99 8.58 5.27
N LYS A 41 16.04 8.53 6.09
CA LYS A 41 16.24 7.40 7.00
C LYS A 41 15.67 7.61 8.41
N ASP A 42 15.25 8.85 8.71
CA ASP A 42 14.89 9.23 10.07
C ASP A 42 13.51 8.69 10.46
N PRO A 43 13.23 8.64 11.78
CA PRO A 43 11.92 8.17 12.23
C PRO A 43 10.78 9.02 11.67
N VAL A 44 9.65 8.38 11.45
CA VAL A 44 8.48 9.00 10.86
C VAL A 44 7.34 9.13 11.85
N GLN A 45 6.83 10.35 11.99
CA GLN A 45 5.69 10.65 12.82
C GLN A 45 4.41 10.36 12.06
N CYS A 46 3.74 9.29 12.45
CA CYS A 46 2.49 8.88 11.81
C CYS A 46 1.33 9.76 12.27
N SER A 47 0.15 9.54 11.67
CA SER A 47 -1.02 10.36 11.86
C SER A 47 -1.50 10.56 13.31
N ARG A 48 -1.39 9.51 14.10
CA ARG A 48 -1.82 9.52 15.51
C ARG A 48 -0.57 9.48 16.41
N ASP A 49 0.53 9.99 15.88
CA ASP A 49 1.73 10.28 16.63
C ASP A 49 2.59 9.09 17.05
N VAL A 50 2.26 7.89 16.57
CA VAL A 50 3.16 6.79 16.68
C VAL A 50 4.37 7.07 15.77
N VAL A 51 5.55 6.84 16.31
CA VAL A 51 6.81 7.07 15.60
C VAL A 51 7.46 5.75 15.21
N ILE A 52 7.60 5.54 13.91
CA ILE A 52 8.17 4.34 13.36
C ILE A 52 9.50 4.66 12.68
N CYS A 53 10.52 3.84 12.99
CA CYS A 53 11.83 3.92 12.33
C CYS A 53 11.85 3.04 11.09
N PRO A 54 12.00 3.67 9.91
CA PRO A 54 12.03 2.88 8.68
C PRO A 54 13.28 2.01 8.60
N ASP A 55 13.19 0.95 7.83
CA ASP A 55 14.30 0.05 7.58
C ASP A 55 15.38 0.75 6.75
N ALA A 56 14.96 1.68 5.90
CA ALA A 56 15.82 2.34 4.92
C ALA A 56 15.11 3.58 4.42
N SER A 57 15.86 4.48 3.78
CA SER A 57 15.26 5.57 3.01
C SER A 57 14.66 4.99 1.74
N LEU A 58 13.71 5.71 1.17
CA LEU A 58 13.15 5.30 -0.13
C LEU A 58 14.21 5.28 -1.22
N GLU A 59 15.09 6.28 -1.17
CA GLU A 59 16.20 6.39 -2.13
C GLU A 59 17.04 5.13 -2.12
N ASP A 60 17.40 4.66 -0.91
CA ASP A 60 18.18 3.43 -0.78
C ASP A 60 17.39 2.17 -1.12
N ALA A 61 16.11 2.09 -0.73
CA ALA A 61 15.31 0.91 -1.05
C ALA A 61 15.04 0.78 -2.54
N LYS A 62 14.88 1.92 -3.22
CA LYS A 62 14.67 1.87 -4.69
C LYS A 62 15.83 1.15 -5.39
N LYS A 63 17.04 1.33 -4.85
CA LYS A 63 18.22 0.70 -5.45
C LYS A 63 18.19 -0.82 -5.35
N GLU A 64 17.40 -1.35 -4.42
CA GLU A 64 17.30 -2.81 -4.26
C GLU A 64 16.06 -3.37 -4.95
N GLY A 65 15.35 -2.55 -5.71
CA GLY A 65 14.16 -3.00 -6.44
C GLY A 65 14.52 -3.90 -7.61
N PRO A 66 13.52 -4.38 -8.37
CA PRO A 66 12.11 -4.11 -8.12
C PRO A 66 11.51 -5.05 -7.08
N TYR A 67 10.27 -4.74 -6.67
CA TYR A 67 9.57 -5.49 -5.63
C TYR A 67 8.33 -6.16 -6.20
N ASP A 68 7.92 -7.27 -5.59
CA ASP A 68 6.74 -7.99 -6.01
C ASP A 68 5.44 -7.22 -5.67
N VAL A 69 5.52 -6.36 -4.67
CA VAL A 69 4.41 -5.44 -4.36
C VAL A 69 4.96 -4.11 -3.84
N VAL A 70 4.31 -3.02 -4.25
CA VAL A 70 4.53 -1.70 -3.68
C VAL A 70 3.24 -1.37 -2.95
N VAL A 71 3.39 -1.01 -1.67
CA VAL A 71 2.28 -0.78 -0.73
C VAL A 71 2.25 0.67 -0.27
N LEU A 72 1.08 1.28 -0.48
CA LEU A 72 0.81 2.65 -0.05
C LEU A 72 -0.21 2.64 1.08
N PRO A 73 0.24 2.86 2.32
CA PRO A 73 -0.68 3.10 3.43
C PRO A 73 -1.52 4.37 3.20
N GLY A 74 -2.61 4.53 3.94
CA GLY A 74 -3.38 5.74 3.88
C GLY A 74 -2.99 6.71 4.99
N GLY A 75 -4.00 7.39 5.54
CA GLY A 75 -3.77 8.60 6.31
C GLY A 75 -3.80 9.76 5.31
N ASN A 76 -4.66 10.75 5.57
CA ASN A 76 -4.81 11.83 4.58
C ASN A 76 -3.51 12.58 4.27
N LEU A 77 -2.80 12.95 5.31
CA LEU A 77 -1.57 13.70 5.16
C LEU A 77 -0.46 12.81 4.59
N GLY A 78 -0.41 11.52 4.98
CA GLY A 78 0.51 10.58 4.38
C GLY A 78 0.27 10.43 2.89
N ALA A 79 -0.99 10.26 2.51
CA ALA A 79 -1.34 10.05 1.10
C ALA A 79 -1.01 11.30 0.29
N GLN A 80 -1.23 12.47 0.88
N GLN A 80 -1.23 12.47 0.87
CA GLN A 80 -0.88 13.72 0.20
CA GLN A 80 -0.88 13.72 0.20
C GLN A 80 0.63 13.81 -0.05
C GLN A 80 0.63 13.79 -0.06
N ASN A 81 1.42 13.42 0.96
CA ASN A 81 2.88 13.38 0.80
C ASN A 81 3.31 12.40 -0.30
N LEU A 82 2.68 11.22 -0.34
CA LEU A 82 2.95 10.26 -1.42
C LEU A 82 2.57 10.81 -2.80
N SER A 83 1.44 11.49 -2.85
CA SER A 83 0.87 12.07 -4.09
C SER A 83 1.75 13.18 -4.67
N GLU A 84 2.43 13.90 -3.79
CA GLU A 84 3.30 15.03 -4.18
C GLU A 84 4.70 14.61 -4.55
N SER A 85 5.02 13.32 -4.37
CA SER A 85 6.39 12.85 -4.52
C SER A 85 6.74 12.35 -5.91
N ALA A 86 7.74 12.99 -6.52
CA ALA A 86 8.30 12.51 -7.79
C ALA A 86 8.93 11.12 -7.69
N ALA A 87 9.60 10.83 -6.57
CA ALA A 87 10.19 9.50 -6.36
C ALA A 87 9.11 8.42 -6.34
N VAL A 88 7.99 8.71 -5.68
CA VAL A 88 6.86 7.76 -5.68
C VAL A 88 6.30 7.59 -7.09
N LYS A 89 6.15 8.70 -7.82
CA LYS A 89 5.64 8.60 -9.19
C LYS A 89 6.48 7.59 -9.99
N GLU A 90 7.81 7.77 -9.91
CA GLU A 90 8.75 6.93 -10.67
C GLU A 90 8.65 5.45 -10.27
N ILE A 91 8.62 5.22 -8.96
CA ILE A 91 8.44 3.85 -8.44
C ILE A 91 7.15 3.20 -8.93
N LEU A 92 6.04 3.93 -8.90
CA LEU A 92 4.76 3.33 -9.31
C LEU A 92 4.66 3.10 -10.81
N LYS A 93 5.15 4.07 -11.58
CA LYS A 93 5.20 3.92 -13.06
C LYS A 93 6.00 2.67 -13.43
N GLU A 94 7.19 2.55 -12.84
CA GLU A 94 8.04 1.38 -13.09
C GLU A 94 7.31 0.09 -12.72
N GLN A 95 6.65 0.08 -11.56
CA GLN A 95 5.94 -1.12 -11.15
C GLN A 95 4.77 -1.49 -12.09
N GLU A 96 4.04 -0.47 -12.50
CA GLU A 96 2.94 -0.69 -13.43
C GLU A 96 3.48 -1.23 -14.75
N ASN A 97 4.56 -0.63 -15.21
CA ASN A 97 5.11 -0.99 -16.52
CA ASN A 97 5.14 -0.99 -16.51
C ASN A 97 5.61 -2.44 -16.53
N ARG A 98 6.17 -2.90 -15.41
CA ARG A 98 6.62 -4.29 -15.30
C ARG A 98 5.52 -5.28 -14.88
N LYS A 99 4.28 -4.82 -14.78
CA LYS A 99 3.14 -5.67 -14.41
C LYS A 99 3.33 -6.25 -13.02
N GLY A 100 3.84 -5.42 -12.12
CA GLY A 100 3.92 -5.78 -10.69
C GLY A 100 2.73 -5.23 -9.92
N LEU A 101 2.43 -5.88 -8.79
CA LEU A 101 1.31 -5.51 -7.91
C LEU A 101 1.52 -4.18 -7.22
N ILE A 102 0.45 -3.38 -7.20
CA ILE A 102 0.41 -2.14 -6.45
C ILE A 102 -0.80 -2.24 -5.51
N ALA A 103 -0.55 -1.97 -4.24
CA ALA A 103 -1.56 -2.10 -3.20
C ALA A 103 -1.68 -0.79 -2.42
N ALA A 104 -2.91 -0.28 -2.28
CA ALA A 104 -3.12 0.98 -1.58
C ALA A 104 -4.41 0.94 -0.77
N ILE A 105 -4.38 1.54 0.42
CA ILE A 105 -5.51 1.50 1.36
C ILE A 105 -5.90 2.87 1.88
N CYS A 106 -7.21 3.04 2.07
CA CYS A 106 -7.83 4.19 2.73
C CYS A 106 -7.76 5.43 1.81
N ALA A 107 -6.94 6.44 2.14
CA ALA A 107 -6.69 7.55 1.21
C ALA A 107 -5.52 7.24 0.28
N GLY A 108 -4.80 6.19 0.61
CA GLY A 108 -3.67 5.76 -0.21
C GLY A 108 -3.92 5.69 -1.71
N PRO A 109 -5.09 5.16 -2.13
CA PRO A 109 -5.33 5.08 -3.58
C PRO A 109 -5.35 6.43 -4.30
N THR A 110 -5.60 7.54 -3.58
CA THR A 110 -5.57 8.86 -4.24
C THR A 110 -4.17 9.21 -4.78
N ALA A 111 -3.12 8.58 -4.25
CA ALA A 111 -1.77 8.71 -4.85
C ALA A 111 -1.69 8.05 -6.22
N LEU A 112 -2.48 6.98 -6.45
CA LEU A 112 -2.55 6.38 -7.79
C LEU A 112 -3.13 7.39 -8.77
N LEU A 113 -4.17 8.11 -8.33
CA LEU A 113 -4.74 9.16 -9.18
C LEU A 113 -3.72 10.22 -9.50
N ALA A 114 -3.02 10.74 -8.48
CA ALA A 114 -2.04 11.79 -8.66
C ALA A 114 -0.95 11.42 -9.63
N HIS A 115 -0.56 10.14 -9.61
CA HIS A 115 0.52 9.69 -10.44
C HIS A 115 0.05 9.00 -11.72
N GLU A 116 -1.25 9.10 -11.99
CA GLU A 116 -1.89 8.53 -13.21
C GLU A 116 -1.66 7.02 -13.38
N ILE A 117 -1.85 6.30 -12.28
CA ILE A 117 -1.60 4.88 -12.24
C ILE A 117 -2.89 4.09 -12.29
N GLY A 118 -2.94 3.07 -13.15
CA GLY A 118 -4.03 2.13 -13.16
C GLY A 118 -5.37 2.68 -13.62
N PHE A 119 -5.38 3.76 -14.42
CA PHE A 119 -6.67 4.27 -14.90
C PHE A 119 -7.49 3.18 -15.58
N GLY A 120 -8.80 3.19 -15.30
CA GLY A 120 -9.74 2.22 -15.79
C GLY A 120 -10.01 1.09 -14.81
N SER A 121 -9.19 1.00 -13.76
CA SER A 121 -9.40 -0.04 -12.76
C SER A 121 -10.62 0.24 -11.90
N LYS A 122 -11.23 -0.84 -11.43
CA LYS A 122 -12.13 -0.80 -10.32
C LYS A 122 -11.34 -0.68 -9.01
N VAL A 123 -11.74 0.28 -8.18
CA VAL A 123 -11.02 0.61 -6.97
C VAL A 123 -12.01 0.92 -5.85
N THR A 124 -11.54 0.74 -4.63
CA THR A 124 -12.19 1.32 -3.46
C THR A 124 -11.20 2.23 -2.69
N THR A 125 -11.79 2.98 -1.76
CA THR A 125 -11.08 3.90 -0.91
C THR A 125 -11.86 4.03 0.39
N HIS A 126 -11.30 4.76 1.33
CA HIS A 126 -12.11 5.21 2.45
C HIS A 126 -13.32 5.98 1.89
N PRO A 127 -14.50 5.82 2.50
CA PRO A 127 -15.66 6.58 2.03
C PRO A 127 -15.40 8.08 1.87
N LEU A 128 -14.61 8.67 2.79
CA LEU A 128 -14.31 10.10 2.76
C LEU A 128 -13.32 10.51 1.68
N ALA A 129 -12.66 9.54 1.05
CA ALA A 129 -11.72 9.79 -0.02
C ALA A 129 -12.31 9.50 -1.41
N LYS A 130 -13.57 9.08 -1.48
CA LYS A 130 -14.18 8.65 -2.73
C LYS A 130 -14.20 9.81 -3.76
N ASP A 131 -14.66 10.99 -3.33
CA ASP A 131 -14.81 12.10 -4.27
C ASP A 131 -13.48 12.52 -4.88
N LYS A 132 -12.44 12.53 -4.06
CA LYS A 132 -11.08 12.84 -4.52
C LYS A 132 -10.64 11.79 -5.54
N MET A 133 -10.78 10.50 -5.20
CA MET A 133 -10.37 9.43 -6.09
C MET A 133 -11.11 9.49 -7.45
N MET A 134 -12.38 9.85 -7.40
CA MET A 134 -13.27 9.78 -8.58
C MET A 134 -13.28 11.06 -9.41
N ASN A 135 -12.44 12.02 -9.07
CA ASN A 135 -12.34 13.29 -9.79
C ASN A 135 -11.86 13.02 -11.23
N GLY A 136 -12.74 13.24 -12.21
CA GLY A 136 -12.45 12.94 -13.61
C GLY A 136 -12.99 11.60 -14.09
N GLY A 137 -13.47 10.77 -13.17
CA GLY A 137 -14.04 9.47 -13.52
C GLY A 137 -13.07 8.48 -14.14
N HIS A 138 -11.83 8.54 -13.69
CA HIS A 138 -10.73 7.72 -14.25
C HIS A 138 -10.68 6.29 -13.73
N TYR A 139 -11.47 6.03 -12.69
CA TYR A 139 -11.66 4.71 -12.13
C TYR A 139 -13.14 4.43 -11.98
N THR A 140 -13.45 3.16 -11.77
CA THR A 140 -14.77 2.74 -11.39
C THR A 140 -14.81 2.41 -9.91
N TYR A 141 -15.77 2.98 -9.18
CA TYR A 141 -15.77 2.88 -7.72
C TYR A 141 -16.50 1.65 -7.21
N SER A 142 -15.94 1.06 -6.15
CA SER A 142 -16.44 -0.11 -5.52
C SER A 142 -16.54 0.14 -4.00
N GLU A 143 -17.55 -0.45 -3.38
CA GLU A 143 -17.72 -0.43 -1.92
C GLU A 143 -17.25 -1.73 -1.26
N ASN A 144 -16.65 -2.62 -2.03
CA ASN A 144 -16.04 -3.84 -1.46
C ASN A 144 -14.94 -3.48 -0.49
N ARG A 145 -14.84 -4.25 0.58
CA ARG A 145 -13.85 -3.97 1.63
C ARG A 145 -12.42 -4.06 1.11
N VAL A 146 -12.20 -5.01 0.20
CA VAL A 146 -10.97 -5.13 -0.58
C VAL A 146 -11.41 -5.30 -2.04
N GLU A 147 -10.75 -4.57 -2.93
CA GLU A 147 -11.02 -4.65 -4.36
C GLU A 147 -9.71 -5.00 -5.06
N LYS A 148 -9.72 -6.03 -5.90
CA LYS A 148 -8.55 -6.35 -6.68
C LYS A 148 -8.94 -6.45 -8.11
N ASP A 149 -8.44 -5.50 -8.89
CA ASP A 149 -8.65 -5.49 -10.34
C ASP A 149 -7.28 -5.65 -10.96
N GLY A 150 -6.98 -6.91 -11.31
CA GLY A 150 -5.68 -7.29 -11.83
C GLY A 150 -4.57 -6.96 -10.84
N LEU A 151 -3.67 -6.08 -11.25
CA LEU A 151 -2.51 -5.70 -10.41
C LEU A 151 -2.69 -4.39 -9.60
N ILE A 152 -3.94 -3.91 -9.51
CA ILE A 152 -4.28 -2.80 -8.61
C ILE A 152 -5.21 -3.34 -7.51
N LEU A 153 -4.71 -3.28 -6.27
CA LEU A 153 -5.40 -3.86 -5.13
C LEU A 153 -5.64 -2.74 -4.15
N THR A 154 -6.90 -2.48 -3.82
CA THR A 154 -7.22 -1.37 -2.93
C THR A 154 -8.13 -1.81 -1.79
N SER A 155 -8.19 -0.98 -0.75
CA SER A 155 -9.01 -1.29 0.39
C SER A 155 -9.39 0.00 1.11
N ARG A 156 -10.26 -0.12 2.12
CA ARG A 156 -11.00 1.04 2.60
C ARG A 156 -10.54 1.76 3.85
N GLY A 157 -9.99 1.06 4.84
CA GLY A 157 -9.73 1.73 6.11
C GLY A 157 -8.97 0.90 7.09
N PRO A 158 -8.70 1.48 8.28
CA PRO A 158 -8.01 0.70 9.33
C PRO A 158 -8.64 -0.66 9.57
N GLY A 159 -9.97 -0.68 9.60
CA GLY A 159 -10.73 -1.87 9.88
C GLY A 159 -10.78 -2.88 8.76
N THR A 160 -10.25 -2.52 7.58
CA THR A 160 -10.08 -3.49 6.50
C THR A 160 -8.62 -3.88 6.29
N SER A 161 -7.72 -3.44 7.19
CA SER A 161 -6.26 -3.62 6.98
C SER A 161 -5.87 -5.10 7.00
N PHE A 162 -6.51 -5.91 7.86
CA PHE A 162 -6.18 -7.35 7.86
C PHE A 162 -6.58 -8.01 6.54
N GLU A 163 -7.78 -7.69 6.06
CA GLU A 163 -8.27 -8.21 4.80
C GLU A 163 -7.36 -7.80 3.64
N PHE A 164 -6.96 -6.54 3.64
CA PHE A 164 -6.04 -5.95 2.63
C PHE A 164 -4.71 -6.71 2.64
N ALA A 165 -4.15 -6.85 3.84
CA ALA A 165 -2.88 -7.56 3.99
C ALA A 165 -2.96 -9.01 3.54
N LEU A 166 -4.03 -9.69 3.92
CA LEU A 166 -4.20 -11.09 3.54
C LEU A 166 -4.44 -11.24 2.05
N ALA A 167 -5.06 -10.25 1.43
CA ALA A 167 -5.22 -10.26 -0.02
C ALA A 167 -3.87 -10.14 -0.75
N ILE A 168 -2.99 -9.28 -0.22
CA ILE A 168 -1.60 -9.17 -0.74
C ILE A 168 -0.90 -10.53 -0.59
N VAL A 169 -1.05 -11.12 0.59
CA VAL A 169 -0.43 -12.42 0.84
C VAL A 169 -0.95 -13.46 -0.17
N GLU A 170 -2.26 -13.50 -0.36
CA GLU A 170 -2.86 -14.43 -1.30
C GLU A 170 -2.32 -14.20 -2.73
N ALA A 171 -2.19 -12.93 -3.11
CA ALA A 171 -1.71 -12.59 -4.45
C ALA A 171 -0.30 -13.05 -4.71
N LEU A 172 0.55 -12.92 -3.69
CA LEU A 172 1.98 -13.20 -3.81
C LEU A 172 2.33 -14.67 -3.51
N ASN A 173 1.72 -15.20 -2.45
CA ASN A 173 2.08 -16.51 -1.91
C ASN A 173 1.00 -17.59 -2.00
N GLY A 174 -0.20 -17.23 -2.46
CA GLY A 174 -1.30 -18.17 -2.61
C GLY A 174 -2.28 -18.27 -1.46
N LYS A 175 -3.46 -18.81 -1.79
CA LYS A 175 -4.57 -18.95 -0.86
C LYS A 175 -4.18 -19.72 0.41
N GLU A 176 -3.41 -20.79 0.24
CA GLU A 176 -3.14 -21.68 1.38
C GLU A 176 -2.26 -20.97 2.40
N VAL A 177 -1.19 -20.33 1.94
CA VAL A 177 -0.37 -19.52 2.85
C VAL A 177 -1.21 -18.43 3.56
N ALA A 178 -2.02 -17.69 2.80
CA ALA A 178 -2.91 -16.70 3.43
C ALA A 178 -3.79 -17.32 4.54
N ALA A 179 -4.36 -18.49 4.27
CA ALA A 179 -5.21 -19.17 5.28
C ALA A 179 -4.40 -19.55 6.53
N GLN A 180 -3.17 -20.04 6.32
CA GLN A 180 -2.33 -20.43 7.43
C GLN A 180 -1.91 -19.24 8.28
N VAL A 181 -1.59 -18.12 7.63
CA VAL A 181 -1.22 -16.88 8.32
C VAL A 181 -2.42 -16.32 9.07
N LYS A 182 -3.58 -16.43 8.45
CA LYS A 182 -4.82 -15.86 9.06
C LYS A 182 -5.22 -16.52 10.40
N ALA A 183 -5.09 -17.86 10.49
CA ALA A 183 -5.71 -18.59 11.58
C ALA A 183 -5.23 -18.12 12.97
N PRO A 184 -3.92 -17.96 13.17
CA PRO A 184 -3.49 -17.51 14.50
C PRO A 184 -3.83 -16.06 14.86
N LEU A 185 -4.31 -15.26 13.91
CA LEU A 185 -4.61 -13.86 14.18
C LEU A 185 -5.91 -13.64 14.98
N VAL A 186 -6.78 -14.65 15.04
CA VAL A 186 -8.06 -14.55 15.73
C VAL A 186 -8.96 -13.47 15.09
N LEU A 187 -9.05 -13.54 13.78
CA LEU A 187 -9.94 -12.64 13.05
C LEU A 187 -11.38 -13.15 13.08
N LYS A 188 -12.35 -12.25 12.91
CA LYS A 188 -13.77 -12.70 12.86
C LYS A 188 -14.07 -13.27 11.48
C1 ISN B . -8.72 7.02 7.41
C2 ISN B . -9.33 6.46 8.54
C3 ISN B . -10.46 7.10 9.05
C4 ISN B . -10.94 8.25 8.42
C5 ISN B . -10.34 8.82 7.27
N1 ISN B . -8.43 8.56 5.65
C6 ISN B . -9.21 8.24 6.71
C7 ISN B . -7.57 6.55 6.63
C10 ISN B . -7.48 7.61 5.59
O8 ISN B . -6.41 6.09 7.29
O11 ISN B . -6.54 7.56 4.73
CL CL C . -6.02 10.55 8.41
#